data_8QG9
#
_entry.id   8QG9
#
_cell.length_a   62.911
_cell.length_b   74.155
_cell.length_c   118.345
_cell.angle_alpha   90.000
_cell.angle_beta   90.000
_cell.angle_gamma   90.000
#
_symmetry.space_group_name_H-M   'I 2 2 2'
#
loop_
_entity.id
_entity.type
_entity.pdbx_description
1 polymer 'NAD kinase 1'
2 non-polymer 'CITRIC ACID'
3 non-polymer (2~{R},3~{R},4~{S},5~{R})-2-(6-aminopurin-9-yl)-5-[[3-[6-azanyl-9-[(2~{R},3~{R},4~{S},5~{R})-5-(hydroxymethyl)-3,4-bis(oxidanyl)oxolan-2-yl]purin-8-yl]prop-2-ynyl-propan-2-yl-amino]methyl]oxolane-3,4-diol
4 water water
#
_entity_poly.entity_id   1
_entity_poly.type   'polypeptide(L)'
_entity_poly.pdbx_seq_one_letter_code
;MKYMITSKGDEKSDLLRLNMIAGFGEYDMEYDDVEPEIVISIGGDGTFLSAFHQYEERLDEIAFIGIHTGHLGFYADWRP
AEADKLVKLLAKGEYQKVSYPLLKTTVKYGIGKKEATYLALNESTVKSSGGPFVVDVVINDIHFERFRGDGLCMSTPSGT
TAYNKSLGGALMHPSIEAMQLTEMASINNRVYRTIGSPLVFPKHHVVSLQPVNDKDFQISVDHLSILHRDVQEIRYEVSA
KKIHFARFRSFPFWRRVHDSFIEDLEHHHHHH
;
_entity_poly.pdbx_strand_id   A
#
loop_
_chem_comp.id
_chem_comp.type
_chem_comp.name
_chem_comp.formula
CIT non-polymer 'CITRIC ACID' 'C6 H8 O7'
UWF non-polymer (2~{R},3~{R},4~{S},5~{R})-2-(6-aminopurin-9-yl)-5-[[3-[6-azanyl-9-[(2~{R},3~{R},4~{S},5~{R})-5-(hydroxymethyl)-3,4-bis(oxidanyl)oxolan-2-yl]purin-8-yl]prop-2-ynyl-propan-2-yl-amino]methyl]oxolane-3,4-diol 'C26 H33 N11 O7'
#
# COMPACT_ATOMS: atom_id res chain seq x y z
N MET A 1 -13.86 -21.93 -9.44
CA MET A 1 -13.16 -20.66 -9.57
C MET A 1 -11.68 -20.78 -9.24
N LYS A 2 -10.84 -20.15 -10.05
CA LYS A 2 -9.40 -20.20 -9.86
C LYS A 2 -8.97 -19.35 -8.67
N TYR A 3 -8.10 -19.94 -7.82
CA TYR A 3 -7.57 -19.24 -6.65
C TYR A 3 -6.10 -19.58 -6.51
N MET A 4 -5.39 -18.79 -5.70
CA MET A 4 -4.05 -19.17 -5.28
C MET A 4 -3.83 -18.69 -3.84
N ILE A 5 -2.84 -19.26 -3.17
CA ILE A 5 -2.52 -18.92 -1.79
C ILE A 5 -1.02 -18.66 -1.67
N THR A 6 -0.66 -17.45 -1.22
CA THR A 6 0.71 -17.13 -0.86
C THR A 6 0.90 -17.39 0.64
N SER A 7 2.11 -17.76 1.00
CA SER A 7 2.43 -18.02 2.39
C SER A 7 3.64 -17.21 2.82
N LYS A 8 3.59 -16.74 4.07
CA LYS A 8 4.76 -16.14 4.70
C LYS A 8 5.96 -17.07 4.67
N GLY A 9 5.73 -18.38 4.65
CA GLY A 9 6.79 -19.35 4.57
C GLY A 9 7.30 -19.89 5.90
N ASP A 10 6.68 -19.51 7.01
CA ASP A 10 7.00 -20.20 8.24
C ASP A 10 6.11 -21.44 8.38
N GLU A 11 6.42 -22.26 9.39
CA GLU A 11 5.73 -23.54 9.51
C GLU A 11 4.22 -23.37 9.65
N LYS A 12 3.79 -22.39 10.45
CA LYS A 12 2.36 -22.20 10.67
C LYS A 12 1.64 -21.78 9.39
N SER A 13 2.23 -20.85 8.64
CA SER A 13 1.56 -20.36 7.43
C SER A 13 1.58 -21.40 6.32
N ASP A 14 2.69 -22.13 6.16
CA ASP A 14 2.73 -23.17 5.14
C ASP A 14 1.71 -24.26 5.39
N LEU A 15 1.55 -24.68 6.65
CA LEU A 15 0.64 -25.78 6.94
C LEU A 15 -0.81 -25.34 6.78
N LEU A 16 -1.12 -24.12 7.23
CA LEU A 16 -2.44 -23.56 6.99
C LEU A 16 -2.73 -23.48 5.50
N ARG A 17 -1.74 -23.09 4.70
CA ARG A 17 -1.94 -23.04 3.26
C ARG A 17 -2.27 -24.42 2.71
N LEU A 18 -1.46 -25.42 3.04
CA LEU A 18 -1.73 -26.78 2.58
C LEU A 18 -3.10 -27.28 3.03
N ASN A 19 -3.50 -26.95 4.26
CA ASN A 19 -4.81 -27.40 4.74
C ASN A 19 -5.94 -26.70 4.00
N MET A 20 -5.75 -25.45 3.58
CA MET A 20 -6.80 -24.77 2.84
C MET A 20 -6.89 -25.26 1.41
N ILE A 21 -5.76 -25.61 0.81
CA ILE A 21 -5.79 -26.22 -0.52
C ILE A 21 -6.56 -27.52 -0.49
N ALA A 22 -6.39 -28.32 0.58
CA ALA A 22 -7.14 -29.55 0.73
C ALA A 22 -8.63 -29.27 0.82
N GLY A 23 -9.02 -28.28 1.62
CA GLY A 23 -10.41 -27.88 1.72
C GLY A 23 -10.99 -27.45 0.39
N PHE A 24 -10.25 -26.61 -0.35
CA PHE A 24 -10.74 -26.17 -1.65
C PHE A 24 -10.91 -27.32 -2.62
N GLY A 25 -10.03 -28.33 -2.54
CA GLY A 25 -10.16 -29.52 -3.35
C GLY A 25 -11.49 -30.24 -3.19
N GLU A 26 -12.22 -29.95 -2.13
CA GLU A 26 -13.54 -30.57 -1.96
C GLU A 26 -14.64 -29.77 -2.63
N TYR A 27 -14.32 -28.66 -3.29
CA TYR A 27 -15.29 -27.82 -4.00
C TYR A 27 -14.86 -27.70 -5.47
N ASP A 28 -15.64 -26.94 -6.25
CA ASP A 28 -15.27 -26.62 -7.63
C ASP A 28 -14.33 -25.42 -7.66
N MET A 29 -13.17 -25.59 -7.03
CA MET A 29 -12.13 -24.59 -6.98
C MET A 29 -10.85 -25.17 -7.57
N GLU A 30 -10.26 -24.44 -8.51
CA GLU A 30 -9.04 -24.84 -9.20
C GLU A 30 -7.88 -23.97 -8.73
N TYR A 31 -6.81 -24.58 -8.24
CA TYR A 31 -5.62 -23.82 -7.88
C TYR A 31 -4.93 -23.32 -9.15
N ASP A 32 -4.77 -22.00 -9.27
CA ASP A 32 -4.11 -21.43 -10.46
C ASP A 32 -3.45 -20.13 -10.02
N ASP A 33 -2.12 -20.11 -9.95
CA ASP A 33 -1.38 -18.93 -9.56
C ASP A 33 -0.97 -18.06 -10.75
N VAL A 34 -1.39 -18.42 -11.96
CA VAL A 34 -1.18 -17.56 -13.11
C VAL A 34 -2.37 -16.63 -13.32
N GLU A 35 -3.58 -17.18 -13.36
CA GLU A 35 -4.80 -16.38 -13.51
C GLU A 35 -5.80 -16.68 -12.40
N PRO A 36 -5.44 -16.43 -11.14
CA PRO A 36 -6.43 -16.55 -10.07
C PRO A 36 -7.47 -15.45 -10.13
N GLU A 37 -8.66 -15.79 -9.68
CA GLU A 37 -9.68 -14.80 -9.37
C GLU A 37 -9.73 -14.48 -7.89
N ILE A 38 -9.20 -15.37 -7.04
CA ILE A 38 -9.12 -15.17 -5.60
C ILE A 38 -7.66 -15.35 -5.18
N VAL A 39 -7.13 -14.39 -4.42
CA VAL A 39 -5.77 -14.46 -3.92
C VAL A 39 -5.83 -14.38 -2.40
N ILE A 40 -5.47 -15.47 -1.73
CA ILE A 40 -5.43 -15.55 -0.27
C ILE A 40 -3.97 -15.43 0.16
N SER A 41 -3.70 -14.54 1.10
CA SER A 41 -2.37 -14.33 1.62
C SER A 41 -2.34 -14.72 3.09
N ILE A 42 -1.46 -15.65 3.45
CA ILE A 42 -1.38 -16.14 4.82
C ILE A 42 -0.06 -15.69 5.42
N GLY A 43 -0.13 -14.84 6.43
CA GLY A 43 1.07 -14.29 7.03
C GLY A 43 0.76 -13.05 7.83
N GLY A 44 1.33 -11.92 7.42
CA GLY A 44 1.00 -10.64 8.03
C GLY A 44 0.83 -9.65 6.90
N ASP A 45 0.90 -8.35 7.21
CA ASP A 45 0.64 -7.39 6.17
C ASP A 45 1.77 -7.33 5.15
N GLY A 46 2.98 -7.71 5.54
CA GLY A 46 4.07 -7.78 4.57
C GLY A 46 3.82 -8.83 3.52
N THR A 47 3.30 -10.01 3.93
CA THR A 47 2.91 -11.02 2.97
C THR A 47 1.82 -10.51 2.07
N PHE A 48 0.87 -9.78 2.65
CA PHE A 48 -0.25 -9.29 1.85
C PHE A 48 0.22 -8.27 0.83
N LEU A 49 1.13 -7.37 1.22
CA LEU A 49 1.73 -6.45 0.27
C LEU A 49 2.43 -7.19 -0.88
N SER A 50 3.16 -8.26 -0.56
CA SER A 50 3.79 -9.02 -1.63
C SER A 50 2.74 -9.65 -2.55
N ALA A 51 1.65 -10.17 -2.01
CA ALA A 51 0.61 -10.73 -2.87
C ALA A 51 0.06 -9.67 -3.82
N PHE A 52 -0.26 -8.50 -3.29
CA PHE A 52 -0.76 -7.40 -4.13
C PHE A 52 0.18 -7.12 -5.29
N HIS A 53 1.48 -6.97 -5.00
CA HIS A 53 2.42 -6.65 -6.08
C HIS A 53 2.66 -7.83 -7.00
N GLN A 54 2.49 -9.06 -6.51
CA GLN A 54 2.63 -10.20 -7.40
C GLN A 54 1.55 -10.19 -8.48
N TYR A 55 0.37 -9.65 -8.17
CA TYR A 55 -0.77 -9.71 -9.09
C TYR A 55 -1.28 -8.33 -9.46
N GLU A 56 -0.42 -7.32 -9.36
CA GLU A 56 -0.91 -5.95 -9.56
C GLU A 56 -1.36 -5.70 -10.99
N GLU A 57 -0.89 -6.49 -11.94
CA GLU A 57 -1.33 -6.27 -13.32
C GLU A 57 -2.69 -6.89 -13.62
N ARG A 58 -3.27 -7.66 -12.69
CA ARG A 58 -4.61 -8.20 -12.89
C ARG A 58 -5.54 -7.83 -11.75
N LEU A 59 -5.42 -6.59 -11.24
CA LEU A 59 -6.11 -6.19 -10.01
C LEU A 59 -7.62 -6.20 -10.16
N ASP A 60 -8.13 -5.81 -11.33
CA ASP A 60 -9.58 -5.77 -11.51
CA ASP A 60 -9.59 -5.76 -11.50
C ASP A 60 -10.21 -7.15 -11.67
N GLU A 61 -9.39 -8.19 -11.82
CA GLU A 61 -9.90 -9.54 -11.97
C GLU A 61 -9.77 -10.36 -10.69
N ILE A 62 -9.31 -9.75 -9.59
CA ILE A 62 -8.94 -10.48 -8.38
C ILE A 62 -9.62 -9.88 -7.16
N ALA A 63 -10.11 -10.75 -6.28
CA ALA A 63 -10.51 -10.37 -4.93
C ALA A 63 -9.48 -10.95 -3.94
N PHE A 64 -8.88 -10.08 -3.14
CA PHE A 64 -7.87 -10.48 -2.18
C PHE A 64 -8.48 -10.78 -0.81
N ILE A 65 -7.84 -11.69 -0.07
CA ILE A 65 -8.17 -12.00 1.32
C ILE A 65 -6.90 -12.22 2.12
N GLY A 66 -6.85 -11.66 3.33
CA GLY A 66 -5.69 -11.88 4.17
C GLY A 66 -5.96 -12.57 5.48
N ILE A 67 -5.14 -13.57 5.79
CA ILE A 67 -5.21 -14.31 7.03
C ILE A 67 -3.94 -14.04 7.82
N HIS A 68 -4.09 -13.64 9.08
CA HIS A 68 -2.93 -13.29 9.89
C HIS A 68 -2.58 -14.46 10.80
N THR A 69 -1.37 -14.97 10.65
CA THR A 69 -0.97 -16.06 11.52
C THR A 69 -0.20 -15.55 12.72
N GLY A 70 0.02 -14.24 12.79
CA GLY A 70 0.36 -13.63 14.05
C GLY A 70 -0.75 -12.72 14.51
N HIS A 71 -0.39 -11.51 14.89
CA HIS A 71 -1.33 -10.50 15.36
CA HIS A 71 -1.42 -10.60 15.38
C HIS A 71 -2.20 -9.99 14.21
N LEU A 72 -3.28 -9.31 14.58
CA LEU A 72 -4.21 -8.73 13.60
C LEU A 72 -3.49 -7.79 12.64
N GLY A 73 -3.78 -7.93 11.35
CA GLY A 73 -3.27 -7.04 10.34
C GLY A 73 -4.39 -6.14 9.83
N PHE A 74 -4.03 -5.04 9.19
CA PHE A 74 -5.04 -4.22 8.56
C PHE A 74 -5.47 -4.79 7.25
N TYR A 75 -4.63 -5.57 6.61
CA TYR A 75 -5.00 -6.27 5.41
C TYR A 75 -5.30 -7.71 5.72
N ALA A 76 -4.50 -8.28 6.62
CA ALA A 76 -4.59 -9.69 6.98
C ALA A 76 -5.49 -9.73 8.20
N ASP A 77 -6.79 -9.58 7.96
CA ASP A 77 -7.70 -9.32 9.07
C ASP A 77 -8.59 -10.52 9.38
N TRP A 78 -8.17 -11.74 9.00
CA TRP A 78 -8.85 -12.99 9.31
C TRP A 78 -7.95 -13.87 10.17
N ARG A 79 -8.54 -14.55 11.16
CA ARG A 79 -7.77 -15.43 12.04
C ARG A 79 -7.69 -16.85 11.47
N PRO A 80 -6.60 -17.56 11.75
CA PRO A 80 -6.45 -18.94 11.24
C PRO A 80 -7.52 -19.88 11.71
N ALA A 81 -8.19 -19.57 12.83
CA ALA A 81 -9.26 -20.42 13.30
C ALA A 81 -10.48 -20.38 12.39
N GLU A 82 -10.52 -19.48 11.42
CA GLU A 82 -11.67 -19.38 10.53
C GLU A 82 -11.30 -19.76 9.11
N ALA A 83 -10.17 -20.46 8.93
CA ALA A 83 -9.73 -20.89 7.62
C ALA A 83 -10.74 -21.85 6.99
N ASP A 84 -11.16 -22.86 7.75
CA ASP A 84 -12.16 -23.80 7.23
C ASP A 84 -13.46 -23.08 6.91
N LYS A 85 -13.88 -22.16 7.79
CA LYS A 85 -15.08 -21.37 7.55
C LYS A 85 -14.95 -20.53 6.28
N LEU A 86 -13.73 -20.05 5.99
CA LEU A 86 -13.52 -19.16 4.84
C LEU A 86 -13.59 -19.94 3.51
N VAL A 87 -13.06 -21.17 3.49
CA VAL A 87 -13.14 -22.00 2.29
C VAL A 87 -14.60 -22.18 1.85
N LYS A 88 -15.45 -22.56 2.79
CA LYS A 88 -16.87 -22.76 2.49
C LYS A 88 -17.49 -21.51 1.91
N LEU A 89 -17.11 -20.33 2.41
CA LEU A 89 -17.71 -19.11 1.94
C LEU A 89 -17.24 -18.77 0.53
N LEU A 90 -15.91 -18.80 0.30
CA LEU A 90 -15.34 -18.55 -1.02
C LEU A 90 -16.05 -19.35 -2.10
N ALA A 91 -16.28 -20.63 -1.84
CA ALA A 91 -16.99 -21.48 -2.78
C ALA A 91 -18.50 -21.35 -2.60
N TYR A 95 -20.43 -13.71 -1.91
CA TYR A 95 -19.80 -12.67 -1.11
C TYR A 95 -19.84 -11.31 -1.78
N GLN A 96 -19.65 -10.27 -0.99
CA GLN A 96 -19.52 -8.91 -1.50
C GLN A 96 -18.06 -8.58 -1.74
N LYS A 97 -17.82 -7.49 -2.45
CA LYS A 97 -16.47 -6.99 -2.68
C LYS A 97 -16.39 -5.57 -2.16
N VAL A 98 -15.23 -5.24 -1.58
CA VAL A 98 -14.92 -3.92 -1.03
C VAL A 98 -13.68 -3.42 -1.75
N SER A 99 -13.68 -2.16 -2.18
CA SER A 99 -12.56 -1.61 -2.94
C SER A 99 -11.93 -0.44 -2.19
N TYR A 100 -10.57 -0.43 -2.14
CA TYR A 100 -9.77 0.63 -1.53
C TYR A 100 -9.00 1.39 -2.62
N PRO A 101 -8.78 2.69 -2.43
CA PRO A 101 -8.02 3.45 -3.43
C PRO A 101 -6.54 3.09 -3.41
N LEU A 102 -5.86 3.39 -4.52
CA LEU A 102 -4.45 3.09 -4.72
C LEU A 102 -3.74 4.38 -5.11
N LEU A 103 -2.42 4.37 -4.98
CA LEU A 103 -1.61 5.53 -5.31
C LEU A 103 -0.85 5.27 -6.60
N LYS A 104 -1.00 6.15 -7.60
CA LYS A 104 -0.21 6.03 -8.82
C LYS A 104 1.04 6.88 -8.69
N THR A 105 2.19 6.26 -8.94
CA THR A 105 3.48 6.92 -8.90
C THR A 105 4.09 6.87 -10.28
N THR A 106 4.49 8.03 -10.81
CA THR A 106 5.17 8.11 -12.10
C THR A 106 6.58 8.65 -11.89
N VAL A 107 7.58 7.94 -12.41
CA VAL A 107 8.96 8.35 -12.35
C VAL A 107 9.41 8.73 -13.77
N LYS A 108 9.78 9.99 -13.96
CA LYS A 108 10.28 10.44 -15.24
C LYS A 108 11.79 10.60 -15.14
N TYR A 109 12.50 10.12 -16.17
CA TYR A 109 13.95 10.33 -16.36
C TYR A 109 14.26 11.32 -17.49
N GLY A 110 15.50 11.25 -18.00
CA GLY A 110 15.90 11.93 -19.21
C GLY A 110 17.05 11.20 -19.91
N LYS A 114 13.19 7.16 -19.90
CA LYS A 114 11.85 7.52 -20.33
C LYS A 114 10.90 7.77 -19.16
N GLU A 115 10.04 6.79 -18.86
CA GLU A 115 9.02 6.97 -17.83
C GLU A 115 8.56 5.60 -17.34
N ALA A 116 8.35 5.50 -16.03
CA ALA A 116 7.87 4.28 -15.39
C ALA A 116 6.77 4.61 -14.39
N THR A 117 5.74 3.77 -14.35
CA THR A 117 4.64 3.93 -13.39
C THR A 117 4.61 2.75 -12.42
N TYR A 118 4.21 3.04 -11.18
CA TYR A 118 4.05 2.03 -10.14
C TYR A 118 2.77 2.33 -9.38
N LEU A 119 2.17 1.26 -8.87
CA LEU A 119 1.00 1.36 -8.01
C LEU A 119 1.39 1.00 -6.59
N ALA A 120 0.93 1.79 -5.62
CA ALA A 120 1.19 1.52 -4.21
C ALA A 120 -0.10 1.25 -3.46
N LEU A 121 -0.07 0.23 -2.57
CA LEU A 121 -1.18 -0.05 -1.67
C LEU A 121 -1.02 0.68 -0.34
N ASN A 122 0.21 0.84 0.13
CA ASN A 122 0.43 1.59 1.36
C ASN A 122 0.95 2.99 1.03
N GLU A 123 2.14 3.08 0.47
CA GLU A 123 2.71 4.41 0.22
C GLU A 123 3.87 4.33 -0.77
N SER A 124 4.27 5.51 -1.26
CA SER A 124 5.51 5.65 -1.99
C SER A 124 6.33 6.72 -1.26
N THR A 125 7.61 6.49 -1.05
CA THR A 125 8.42 7.53 -0.45
C THR A 125 9.60 7.88 -1.33
N VAL A 126 10.19 9.05 -1.07
CA VAL A 126 11.42 9.51 -1.71
C VAL A 126 12.38 9.97 -0.62
N LYS A 127 13.58 9.43 -0.61
CA LYS A 127 14.62 9.76 0.35
C LYS A 127 15.94 10.00 -0.37
N SER A 128 16.88 10.61 0.34
CA SER A 128 18.13 11.09 -0.22
C SER A 128 19.17 9.99 -0.40
N SER A 129 20.08 10.21 -1.34
CA SER A 129 21.28 9.39 -1.46
C SER A 129 22.31 9.79 -0.40
N GLY A 130 21.85 10.10 0.80
CA GLY A 130 22.69 10.49 1.92
C GLY A 130 22.41 11.90 2.41
N GLY A 131 22.36 12.06 3.74
CA GLY A 131 22.09 13.33 4.37
C GLY A 131 20.74 13.91 3.98
N PRO A 132 20.56 15.21 4.12
CA PRO A 132 19.33 15.82 3.60
C PRO A 132 19.44 16.08 2.10
N PHE A 133 18.31 15.93 1.42
CA PHE A 133 18.18 16.24 0.01
C PHE A 133 17.15 17.35 -0.14
N VAL A 134 17.08 17.90 -1.35
CA VAL A 134 16.31 19.10 -1.63
C VAL A 134 15.43 18.78 -2.84
N VAL A 135 14.11 18.91 -2.68
CA VAL A 135 13.20 18.73 -3.80
C VAL A 135 12.19 19.86 -3.82
N ASP A 136 11.91 20.35 -5.02
CA ASP A 136 10.81 21.30 -5.17
C ASP A 136 9.51 20.51 -5.27
N VAL A 137 8.49 20.98 -4.59
CA VAL A 137 7.19 20.33 -4.51
C VAL A 137 6.23 21.17 -5.32
N VAL A 138 5.66 20.61 -6.38
CA VAL A 138 4.77 21.36 -7.26
C VAL A 138 3.42 20.68 -7.25
N ILE A 139 2.38 21.45 -6.95
CA ILE A 139 1.01 20.93 -6.81
C ILE A 139 0.15 21.51 -7.93
N ASN A 140 -0.35 20.66 -8.81
CA ASN A 140 -1.12 21.12 -9.97
C ASN A 140 -0.40 22.24 -10.71
N ASP A 141 0.90 22.00 -10.98
CA ASP A 141 1.72 22.94 -11.77
C ASP A 141 2.07 24.22 -11.02
N ILE A 142 1.77 24.30 -9.74
CA ILE A 142 2.01 25.49 -8.91
C ILE A 142 3.10 25.17 -7.91
N HIS A 143 4.18 25.95 -7.92
CA HIS A 143 5.27 25.70 -6.98
C HIS A 143 4.80 25.97 -5.58
N PHE A 144 4.79 24.91 -4.76
CA PHE A 144 4.27 25.02 -3.40
C PHE A 144 5.35 25.22 -2.35
N GLU A 145 6.44 24.47 -2.37
CA GLU A 145 7.48 24.67 -1.38
C GLU A 145 8.77 24.05 -1.88
N ARG A 146 9.89 24.49 -1.31
CA ARG A 146 11.18 23.81 -1.49
C ARG A 146 11.52 23.06 -0.21
N PHE A 147 11.50 21.74 -0.28
CA PHE A 147 11.69 20.87 0.87
C PHE A 147 13.16 20.50 1.03
N ARG A 148 13.73 20.75 2.21
CA ARG A 148 15.07 20.24 2.51
C ARG A 148 14.98 19.37 3.76
N GLY A 149 15.42 18.12 3.65
CA GLY A 149 15.25 17.22 4.80
C GLY A 149 15.42 15.77 4.39
N ASP A 150 14.84 14.87 5.20
CA ASP A 150 15.17 13.46 5.01
C ASP A 150 14.37 12.83 3.87
N GLY A 151 13.15 13.26 3.67
CA GLY A 151 12.34 12.71 2.60
C GLY A 151 10.86 13.01 2.78
N LEU A 152 10.08 12.44 1.88
CA LEU A 152 8.64 12.68 1.77
C LEU A 152 7.92 11.34 1.56
N CYS A 153 6.71 11.25 2.09
CA CYS A 153 5.92 10.01 2.06
C CYS A 153 4.51 10.34 1.56
N MET A 154 4.08 9.68 0.49
CA MET A 154 2.75 9.86 -0.06
C MET A 154 2.00 8.57 0.19
N SER A 155 0.90 8.64 0.94
CA SER A 155 0.21 7.46 1.44
C SER A 155 -1.18 7.35 0.82
N THR A 156 -1.65 6.13 0.62
CA THR A 156 -3.04 5.85 0.34
C THR A 156 -3.85 5.95 1.62
N PRO A 157 -5.18 5.85 1.52
CA PRO A 157 -5.98 5.78 2.76
C PRO A 157 -5.65 4.59 3.65
N SER A 158 -5.62 3.38 3.09
CA SER A 158 -5.32 2.22 3.94
C SER A 158 -3.86 2.22 4.39
N GLY A 159 -2.97 2.89 3.64
CA GLY A 159 -1.62 3.12 4.10
C GLY A 159 -1.49 4.13 5.25
N THR A 160 -2.53 4.89 5.59
CA THR A 160 -2.35 5.92 6.61
C THR A 160 -2.03 5.34 7.98
N THR A 161 -2.36 4.08 8.24
CA THR A 161 -1.99 3.48 9.53
C THR A 161 -0.57 2.94 9.56
N ALA A 162 0.20 3.12 8.50
CA ALA A 162 1.54 2.52 8.37
C ALA A 162 2.58 3.63 8.47
N TYR A 163 3.53 3.73 7.53
CA TYR A 163 4.55 4.78 7.60
C TYR A 163 3.95 6.16 7.90
N ASN A 164 2.89 6.53 7.18
CA ASN A 164 2.21 7.81 7.37
C ASN A 164 1.91 8.10 8.82
N LYS A 165 1.47 7.08 9.59
CA LYS A 165 1.10 7.37 10.96
C LYS A 165 2.32 7.71 11.80
N SER A 166 3.44 7.01 11.56
CA SER A 166 4.63 7.27 12.35
C SER A 166 5.24 8.62 12.04
N LEU A 167 4.92 9.16 10.87
CA LEU A 167 5.32 10.51 10.50
C LEU A 167 4.35 11.61 10.95
N GLY A 168 3.35 11.29 11.76
CA GLY A 168 2.40 12.26 12.23
C GLY A 168 1.21 12.49 11.33
N GLY A 169 1.03 11.64 10.30
CA GLY A 169 -0.07 11.88 9.38
C GLY A 169 -1.42 11.49 10.00
N ALA A 170 -2.50 11.92 9.37
CA ALA A 170 -3.85 11.59 9.84
C ALA A 170 -4.24 10.18 9.37
N LEU A 171 -5.09 9.51 10.16
CA LEU A 171 -5.63 8.22 9.70
C LEU A 171 -6.91 8.50 8.92
N MET A 172 -7.01 8.01 7.70
CA MET A 172 -8.13 8.39 6.82
C MET A 172 -8.94 7.15 6.50
N HIS A 173 -10.25 7.23 6.63
CA HIS A 173 -11.09 6.11 6.25
C HIS A 173 -10.87 5.78 4.78
N PRO A 174 -10.70 4.50 4.42
CA PRO A 174 -10.34 4.17 3.04
C PRO A 174 -11.47 4.38 2.04
N SER A 175 -12.65 4.79 2.44
CA SER A 175 -13.66 5.10 1.45
C SER A 175 -13.43 6.47 0.82
N ILE A 176 -12.50 7.25 1.38
CA ILE A 176 -12.17 8.56 0.86
C ILE A 176 -11.13 8.40 -0.25
N GLU A 177 -11.44 8.90 -1.45
CA GLU A 177 -10.50 8.73 -2.56
C GLU A 177 -9.51 9.89 -2.49
N ALA A 178 -8.37 9.64 -1.86
CA ALA A 178 -7.41 10.71 -1.57
C ALA A 178 -6.05 10.07 -1.36
N MET A 179 -5.03 10.93 -1.28
CA MET A 179 -3.65 10.56 -0.94
C MET A 179 -3.15 11.62 0.04
N GLN A 180 -2.18 11.24 0.89
CA GLN A 180 -1.75 12.10 1.98
C GLN A 180 -0.23 12.21 1.98
N LEU A 181 0.30 13.45 1.98
CA LEU A 181 1.74 13.69 1.90
C LEU A 181 2.27 14.10 3.26
N THR A 182 3.33 13.42 3.75
CA THR A 182 3.89 13.77 5.05
C THR A 182 5.39 14.00 4.89
N GLU A 183 5.95 14.91 5.70
CA GLU A 183 7.38 15.19 5.72
C GLU A 183 8.13 14.25 6.64
N MET A 184 9.40 13.97 6.29
CA MET A 184 10.37 13.36 7.21
C MET A 184 11.45 14.38 7.55
N ALA A 185 11.41 14.93 8.76
CA ALA A 185 12.47 15.78 9.33
C ALA A 185 12.85 16.91 8.38
N SER A 186 11.94 17.84 8.19
CA SER A 186 12.30 18.99 7.36
C SER A 186 13.11 19.99 8.16
N ILE A 187 13.97 20.76 7.46
CA ILE A 187 14.70 21.86 8.08
C ILE A 187 13.80 23.08 7.98
N ASN A 188 13.62 23.79 9.08
CA ASN A 188 12.86 25.06 9.05
C ASN A 188 13.63 26.10 9.86
N ASN A 189 14.21 27.08 9.16
CA ASN A 189 14.85 28.24 9.78
C ASN A 189 14.54 29.47 8.91
N ARG A 190 15.25 30.57 9.17
CA ARG A 190 14.97 31.80 8.44
C ARG A 190 15.18 31.61 6.94
N VAL A 191 15.95 30.61 6.53
CA VAL A 191 16.26 30.38 5.13
C VAL A 191 15.37 29.32 4.49
N TYR A 192 15.03 28.26 5.21
CA TYR A 192 14.25 27.17 4.66
C TYR A 192 12.88 27.08 5.33
N ARG A 193 11.84 26.85 4.53
CA ARG A 193 10.44 26.85 4.97
C ARG A 193 9.63 25.73 4.32
N THR A 194 8.97 24.90 5.13
CA THR A 194 7.98 23.98 4.60
C THR A 194 6.67 24.15 5.35
N ILE A 195 5.63 23.49 4.84
CA ILE A 195 4.32 23.63 5.47
C ILE A 195 4.28 22.88 6.80
N GLY A 196 5.00 21.79 6.88
CA GLY A 196 5.10 21.01 8.11
C GLY A 196 3.93 20.04 8.24
N SER A 197 2.71 20.58 8.15
CA SER A 197 1.52 19.74 8.30
C SER A 197 1.43 18.69 7.20
N PRO A 198 0.89 17.49 7.49
CA PRO A 198 0.45 16.60 6.41
C PRO A 198 -0.53 17.32 5.48
N LEU A 199 -0.52 16.90 4.21
CA LEU A 199 -1.42 17.45 3.20
C LEU A 199 -2.23 16.31 2.61
N VAL A 200 -3.55 16.51 2.49
CA VAL A 200 -4.46 15.52 1.91
C VAL A 200 -5.06 16.05 0.61
N PHE A 201 -4.84 15.29 -0.48
CA PHE A 201 -5.20 15.63 -1.85
C PHE A 201 -6.31 14.73 -2.35
N PRO A 202 -7.27 15.30 -3.08
CA PRO A 202 -8.34 14.51 -3.69
C PRO A 202 -7.87 13.92 -5.02
N LYS A 203 -8.76 13.14 -5.64
CA LYS A 203 -8.51 12.66 -6.98
C LYS A 203 -8.26 13.82 -7.93
N HIS A 204 -7.46 13.55 -8.96
CA HIS A 204 -7.15 14.45 -10.06
C HIS A 204 -6.22 15.58 -9.64
N HIS A 205 -5.80 15.67 -8.38
CA HIS A 205 -4.68 16.54 -8.05
C HIS A 205 -3.37 15.81 -8.31
N VAL A 206 -2.38 16.53 -8.83
CA VAL A 206 -1.09 15.94 -9.15
C VAL A 206 -0.02 16.63 -8.32
N VAL A 207 0.75 15.85 -7.59
CA VAL A 207 1.86 16.37 -6.81
C VAL A 207 3.15 15.90 -7.45
N SER A 208 3.98 16.86 -7.88
CA SER A 208 5.23 16.62 -8.57
C SER A 208 6.38 16.97 -7.63
N LEU A 209 7.33 16.04 -7.46
CA LEU A 209 8.60 16.31 -6.78
C LEU A 209 9.72 16.41 -7.81
N GLN A 210 10.51 17.50 -7.75
CA GLN A 210 11.55 17.77 -8.73
C GLN A 210 12.89 18.10 -8.07
N PRO A 211 13.99 17.58 -8.60
CA PRO A 211 15.30 17.81 -7.97
C PRO A 211 15.75 19.25 -8.12
N VAL A 212 16.69 19.63 -7.25
CA VAL A 212 17.24 20.98 -7.22
C VAL A 212 18.72 20.98 -7.57
N ASN A 213 19.51 20.20 -6.86
CA ASN A 213 20.90 19.93 -7.26
C ASN A 213 21.05 18.44 -7.55
N ASP A 214 21.31 17.64 -6.53
CA ASP A 214 21.42 16.21 -6.71
C ASP A 214 20.16 15.65 -7.39
N LYS A 215 20.38 14.72 -8.33
CA LYS A 215 19.29 14.13 -9.10
C LYS A 215 19.12 12.63 -8.85
N ASP A 216 19.81 12.06 -7.86
CA ASP A 216 19.65 10.66 -7.50
C ASP A 216 18.85 10.56 -6.21
N PHE A 217 17.95 9.57 -6.15
CA PHE A 217 17.05 9.41 -5.00
C PHE A 217 16.78 7.93 -4.78
N GLN A 218 16.41 7.60 -3.54
CA GLN A 218 15.83 6.31 -3.24
C GLN A 218 14.31 6.48 -3.25
N ILE A 219 13.64 5.73 -4.13
CA ILE A 219 12.19 5.75 -4.23
C ILE A 219 11.68 4.38 -3.80
N SER A 220 10.73 4.37 -2.85
CA SER A 220 10.12 3.12 -2.42
C SER A 220 8.68 3.10 -2.88
N VAL A 221 8.17 1.89 -3.11
CA VAL A 221 6.76 1.68 -3.37
C VAL A 221 6.41 0.48 -2.52
N ASP A 222 5.67 0.70 -1.42
CA ASP A 222 5.34 -0.39 -0.51
C ASP A 222 6.66 -1.02 -0.06
N HIS A 223 6.82 -2.34 -0.10
CA HIS A 223 8.01 -2.93 0.50
C HIS A 223 9.26 -2.87 -0.41
N LEU A 224 9.22 -2.16 -1.53
CA LEU A 224 10.20 -2.27 -2.60
C LEU A 224 10.92 -0.93 -2.76
N SER A 225 12.22 -0.91 -2.50
CA SER A 225 13.01 0.31 -2.49
C SER A 225 14.09 0.21 -3.55
N ILE A 226 14.23 1.26 -4.36
CA ILE A 226 15.00 1.21 -5.59
C ILE A 226 15.69 2.56 -5.80
N LEU A 227 17.00 2.54 -5.99
CA LEU A 227 17.72 3.77 -6.25
C LEU A 227 17.56 4.15 -7.72
N HIS A 228 17.01 5.32 -7.97
CA HIS A 228 16.73 5.78 -9.32
C HIS A 228 17.73 6.87 -9.69
N ARG A 229 18.45 6.66 -10.79
CA ARG A 229 19.43 7.62 -11.29
C ARG A 229 18.83 8.45 -12.40
N ASP A 230 19.26 9.72 -12.47
CA ASP A 230 18.82 10.69 -13.47
C ASP A 230 17.30 10.84 -13.47
N VAL A 231 16.71 10.94 -12.28
CA VAL A 231 15.30 11.23 -12.14
C VAL A 231 15.08 12.72 -12.39
N GLN A 232 14.11 13.05 -13.23
CA GLN A 232 13.69 14.42 -13.43
C GLN A 232 12.48 14.78 -12.60
N GLU A 233 11.62 13.81 -12.27
CA GLU A 233 10.35 14.11 -11.62
C GLU A 233 9.75 12.82 -11.06
N ILE A 234 9.09 12.96 -9.91
CA ILE A 234 8.25 11.92 -9.33
C ILE A 234 6.85 12.50 -9.18
N ARG A 235 5.86 11.90 -9.84
CA ARG A 235 4.51 12.47 -9.89
C ARG A 235 3.54 11.53 -9.19
N TYR A 236 2.76 12.09 -8.27
CA TYR A 236 1.79 11.34 -7.48
C TYR A 236 0.37 11.75 -7.81
N GLU A 237 -0.51 10.77 -7.97
CA GLU A 237 -1.92 11.03 -8.18
C GLU A 237 -2.70 9.82 -7.70
N VAL A 238 -3.93 10.04 -7.24
CA VAL A 238 -4.77 8.90 -6.87
C VAL A 238 -5.03 8.08 -8.13
N SER A 239 -4.81 6.77 -8.04
CA SER A 239 -4.98 5.94 -9.23
C SER A 239 -6.44 5.82 -9.59
N ALA A 240 -6.68 5.52 -10.86
CA ALA A 240 -8.00 5.09 -11.29
C ALA A 240 -8.24 3.63 -10.96
N LYS A 241 -7.18 2.88 -10.67
CA LYS A 241 -7.28 1.47 -10.33
C LYS A 241 -7.53 1.31 -8.84
N LYS A 242 -8.20 0.21 -8.47
CA LYS A 242 -8.56 -0.04 -7.08
C LYS A 242 -8.27 -1.50 -6.76
N ILE A 243 -7.98 -1.78 -5.50
CA ILE A 243 -7.82 -3.16 -5.06
C ILE A 243 -9.13 -3.61 -4.48
N HIS A 244 -9.52 -4.84 -4.77
CA HIS A 244 -10.81 -5.38 -4.35
C HIS A 244 -10.55 -6.46 -3.31
N PHE A 245 -11.24 -6.35 -2.17
CA PHE A 245 -11.24 -7.41 -1.15
C PHE A 245 -12.53 -8.19 -1.20
N ALA A 246 -12.41 -9.50 -0.98
CA ALA A 246 -13.58 -10.30 -0.67
C ALA A 246 -13.87 -10.08 0.81
N ARG A 247 -15.09 -9.66 1.14
CA ARG A 247 -15.47 -9.50 2.53
C ARG A 247 -16.64 -10.43 2.83
N PHE A 248 -16.55 -11.13 3.95
CA PHE A 248 -17.57 -12.06 4.35
C PHE A 248 -18.29 -11.64 5.62
N ARG A 249 -17.75 -10.70 6.38
CA ARG A 249 -18.39 -10.20 7.58
C ARG A 249 -18.02 -8.72 7.72
N SER A 250 -18.72 -8.05 8.63
CA SER A 250 -18.42 -6.65 8.93
C SER A 250 -17.26 -6.61 9.92
N PHE A 251 -16.17 -5.96 9.51
CA PHE A 251 -15.03 -5.69 10.40
C PHE A 251 -14.63 -4.25 10.06
N PRO A 252 -15.31 -3.27 10.64
CA PRO A 252 -15.12 -1.87 10.22
C PRO A 252 -13.68 -1.43 10.38
N PHE A 253 -13.24 -0.56 9.45
CA PHE A 253 -11.91 0.02 9.51
C PHE A 253 -11.62 0.64 10.88
N TRP A 254 -12.56 1.41 11.43
CA TRP A 254 -12.29 2.06 12.70
C TRP A 254 -12.13 1.05 13.81
N ARG A 255 -12.75 -0.12 13.65
CA ARG A 255 -12.53 -1.17 14.64
C ARG A 255 -11.16 -1.83 14.45
N ARG A 256 -10.72 -1.99 13.19
CA ARG A 256 -9.36 -2.48 12.96
C ARG A 256 -8.35 -1.55 13.56
N VAL A 257 -8.56 -0.23 13.41
CA VAL A 257 -7.71 0.75 14.07
C VAL A 257 -7.73 0.56 15.59
N HIS A 258 -8.93 0.52 16.18
CA HIS A 258 -9.01 0.34 17.63
C HIS A 258 -8.25 -0.92 18.03
N ASP A 259 -8.48 -2.00 17.30
CA ASP A 259 -7.93 -3.30 17.68
C ASP A 259 -6.41 -3.34 17.56
N SER A 260 -5.83 -2.56 16.64
CA SER A 260 -4.39 -2.59 16.43
C SER A 260 -3.64 -1.61 17.32
N PHE A 261 -4.23 -0.45 17.62
CA PHE A 261 -3.49 0.58 18.33
C PHE A 261 -4.00 0.90 19.72
N ILE A 262 -5.26 0.58 20.06
CA ILE A 262 -5.85 0.94 21.35
C ILE A 262 -5.89 -0.27 22.28
N GLU A 263 -6.57 -1.33 21.88
CA GLU A 263 -6.64 -2.50 22.74
C GLU A 263 -7.20 -3.67 21.94
N ASP A 264 -7.03 -4.87 22.47
CA ASP A 264 -7.63 -6.08 21.90
C ASP A 264 -7.47 -7.27 22.83
C1 CIT B . -16.13 0.27 6.91
O1 CIT B . -15.09 0.50 7.57
O2 CIT B . -17.19 0.71 7.38
C2 CIT B . -16.14 -0.55 5.64
C3 CIT B . -15.27 -1.81 5.77
O7 CIT B . -15.53 -2.48 7.03
C4 CIT B . -15.50 -2.78 4.62
C5 CIT B . -16.63 -3.75 4.90
O3 CIT B . -17.68 -3.67 4.22
O4 CIT B . -16.52 -4.65 5.76
C6 CIT B . -13.80 -1.38 5.69
O5 CIT B . -13.41 -0.56 4.84
O6 CIT B . -12.98 -1.87 6.49
C1 UWF C . 0.88 -1.76 8.72
C2 UWF C . 0.33 -1.55 7.47
C3 UWF C . -0.86 -0.83 7.37
C4 UWF C . 2.17 -2.63 7.23
N1 UWF C . -1.42 -0.39 8.50
N2 UWF C . 0.27 -1.30 9.81
C5 UWF C . 2.87 -2.82 9.66
C6 UWF C . -0.87 -0.62 9.69
C7 UWF C . 3.36 -4.23 9.75
C8 UWF C . 4.41 -4.08 10.85
C9 UWF C . 5.06 -2.73 10.47
C10 UWF C . 6.39 -2.78 9.75
C11 UWF C . 8.17 -5.05 4.41
C12 UWF C . 7.89 -4.37 5.76
C13 UWF C . 8.98 -3.33 6.16
C14 UWF C . 5.36 -4.60 5.64
C15 UWF C . 4.17 -3.91 6.10
C16 UWF C . 3.24 -3.30 6.59
C17 UWF C . 6.65 -2.46 4.90
C18 UWF C . 5.92 -1.17 5.41
C19 UWF C . 6.06 0.72 6.79
C20 UWF C . 5.43 1.02 5.39
C21 UWF C . 6.10 0.02 4.46
C22 UWF C . 8.53 1.37 6.73
C23 UWF C . 8.52 2.51 8.56
C24 UWF C . 7.27 2.00 8.35
C25 UWF C . 6.49 2.99 10.26
C26 UWF C . 8.71 3.28 9.70
N3 UWF C . -1.42 -0.58 6.17
N4 UWF C . 1.14 -2.11 6.57
N5 UWF C . 1.99 -2.45 8.55
N6 UWF C . 6.56 -3.69 5.77
N7 UWF C . 7.31 1.28 7.24
N8 UWF C . 9.29 2.10 7.55
N9 UWF C . 6.27 2.23 9.21
N10 UWF C . 7.67 3.49 10.52
N11 UWF C . 9.89 3.83 10.00
O1 UWF C . 2.37 -5.22 9.93
O2 UWF C . 3.76 -3.96 12.11
O3 UWF C . 4.06 -2.04 9.64
O4 UWF C . 6.31 -3.48 8.52
O5 UWF C . 6.65 -0.65 6.53
O6 UWF C . 4.04 1.18 5.33
O7 UWF C . 5.11 -0.20 3.43
#